data_6U2D
#
_entry.id   6U2D
#
_cell.length_a   150.190
_cell.length_b   39.783
_cell.length_c   56.499
_cell.angle_alpha   90.000
_cell.angle_beta   108.940
_cell.angle_gamma   90.000
#
_symmetry.space_group_name_H-M   'C 1 2 1'
#
loop_
_entity.id
_entity.type
_entity.pdbx_description
1 polymer 'ABC transporter ATP-binding protein'
2 non-polymer 'SULFATE ION'
3 non-polymer 'IODIDE ION'
4 water water
#
_entity_poly.entity_id   1
_entity_poly.type   'polypeptide(L)'
_entity_poly.pdbx_seq_one_letter_code
;SDTTIVTVDHKDFDRTEKYLAEHFQLQNVDKADGHLMINAQKNYQVILKALSELDIYPKYIETRKS
;
_entity_poly.pdbx_strand_id   A,B,C,D
#
# COMPACT_ATOMS: atom_id res chain seq x y z
N SER A 1 8.99 18.14 -6.03
CA SER A 1 9.51 16.98 -5.31
C SER A 1 11.02 17.08 -5.14
N ASP A 2 11.48 17.48 -3.95
CA ASP A 2 12.90 17.71 -3.74
C ASP A 2 13.65 16.51 -3.17
N THR A 3 12.99 15.66 -2.39
CA THR A 3 13.66 14.57 -1.68
C THR A 3 12.86 13.28 -1.68
N THR A 4 13.59 12.16 -1.55
CA THR A 4 13.01 10.82 -1.45
C THR A 4 13.18 10.29 -0.03
N ILE A 5 12.10 9.80 0.56
CA ILE A 5 12.09 9.27 1.93
C ILE A 5 11.89 7.76 1.90
N VAL A 6 12.81 7.03 2.52
CA VAL A 6 12.73 5.58 2.66
C VAL A 6 12.37 5.27 4.11
N THR A 7 11.32 4.49 4.32
CA THR A 7 10.88 4.12 5.66
C THR A 7 10.95 2.61 5.83
N VAL A 8 11.61 2.16 6.89
CA VAL A 8 11.85 0.74 7.12
C VAL A 8 11.48 0.39 8.57
N ASP A 9 11.34 -0.92 8.83
CA ASP A 9 11.22 -1.39 10.20
C ASP A 9 12.48 -1.00 10.98
N HIS A 10 12.33 -0.80 12.30
CA HIS A 10 13.50 -0.49 13.13
C HIS A 10 14.57 -1.55 12.92
N LYS A 11 14.13 -2.79 12.81
CA LYS A 11 14.94 -3.95 12.47
C LYS A 11 15.93 -3.70 11.35
N ASP A 12 15.50 -2.99 10.30
CA ASP A 12 16.26 -2.80 9.07
C ASP A 12 16.92 -1.44 8.99
N PHE A 13 16.73 -0.61 10.02
CA PHE A 13 17.15 0.78 9.91
C PHE A 13 18.65 0.89 9.72
N ASP A 14 19.44 0.24 10.57
CA ASP A 14 20.89 0.45 10.54
C ASP A 14 21.48 0.04 9.20
N ARG A 15 21.13 -1.18 8.75
CA ARG A 15 21.60 -1.68 7.46
C ARG A 15 21.08 -0.85 6.30
N THR A 16 19.81 -0.47 6.32
CA THR A 16 19.31 0.44 5.28
C THR A 16 20.08 1.76 5.31
N GLU A 17 20.34 2.30 6.50
CA GLU A 17 21.07 3.55 6.62
C GLU A 17 22.47 3.44 6.04
N LYS A 18 23.18 2.35 6.37
CA LYS A 18 24.51 2.15 5.80
C LYS A 18 24.44 2.10 4.28
N TYR A 19 23.45 1.38 3.72
CA TYR A 19 23.35 1.29 2.26
C TYR A 19 23.09 2.65 1.64
N LEU A 20 22.15 3.41 2.21
CA LEU A 20 21.76 4.66 1.55
C LEU A 20 22.90 5.68 1.59
N ALA A 21 23.65 5.73 2.69
CA ALA A 21 24.79 6.64 2.79
C ALA A 21 25.89 6.29 1.81
N GLU A 22 26.09 5.01 1.52
CA GLU A 22 27.16 4.61 0.60
C GLU A 22 26.83 4.92 -0.85
N HIS A 23 25.55 4.99 -1.23
CA HIS A 23 25.18 5.15 -2.64
C HIS A 23 24.44 6.43 -2.97
N PHE A 24 23.93 7.16 -1.97
CA PHE A 24 23.16 8.37 -2.22
C PHE A 24 23.55 9.41 -1.19
N GLN A 25 22.92 10.57 -1.27
CA GLN A 25 23.17 11.63 -0.30
C GLN A 25 22.21 11.45 0.88
N LEU A 26 22.68 10.76 1.92
CA LEU A 26 21.87 10.61 3.12
C LEU A 26 21.80 11.96 3.83
N GLN A 27 20.58 12.48 4.00
CA GLN A 27 20.40 13.78 4.63
C GLN A 27 19.76 13.57 6.00
N ASN A 28 18.53 14.01 6.22
CA ASN A 28 18.00 13.81 7.56
C ASN A 28 17.61 12.35 7.79
N VAL A 29 17.54 11.99 9.07
CA VAL A 29 17.11 10.68 9.54
C VAL A 29 16.17 10.84 10.73
N ASP A 30 15.23 9.92 10.86
CA ASP A 30 14.32 9.85 12.00
C ASP A 30 14.30 8.38 12.42
N LYS A 31 15.24 8.00 13.28
CA LYS A 31 15.34 6.58 13.65
C LYS A 31 14.10 6.13 14.40
N ALA A 32 13.51 7.02 15.21
CA ALA A 32 12.33 6.65 15.99
C ALA A 32 11.18 6.18 15.08
N ASP A 33 10.97 6.83 13.93
CA ASP A 33 9.90 6.49 13.00
C ASP A 33 10.38 5.69 11.78
N GLY A 34 11.68 5.38 11.69
CA GLY A 34 12.21 4.60 10.60
C GLY A 34 12.41 5.33 9.30
N HIS A 35 12.53 6.65 9.31
CA HIS A 35 12.66 7.43 8.09
C HIS A 35 14.13 7.70 7.75
N LEU A 36 14.47 7.61 6.46
CA LEU A 36 15.76 8.01 5.93
C LEU A 36 15.53 8.85 4.69
N MET A 37 16.17 10.02 4.63
CA MET A 37 15.95 10.97 3.55
C MET A 37 17.19 11.03 2.66
N ILE A 38 16.98 10.84 1.37
CA ILE A 38 18.07 10.89 0.40
C ILE A 38 17.66 11.89 -0.68
N ASN A 39 18.62 12.19 -1.56
CA ASN A 39 18.30 13.02 -2.71
C ASN A 39 17.25 12.31 -3.57
N ALA A 40 16.37 13.10 -4.20
CA ALA A 40 15.19 12.57 -4.88
C ALA A 40 15.53 11.53 -5.92
N GLN A 41 14.83 10.39 -5.88
CA GLN A 41 15.04 9.32 -6.85
C GLN A 41 13.88 9.25 -7.83
N LYS A 42 14.21 9.35 -9.11
CA LYS A 42 13.26 9.26 -10.20
C LYS A 42 12.79 7.82 -10.44
N ASN A 43 13.70 6.86 -10.29
CA ASN A 43 13.45 5.45 -10.55
C ASN A 43 13.90 4.66 -9.32
N TYR A 44 13.00 3.87 -8.75
CA TYR A 44 13.26 3.17 -7.49
C TYR A 44 13.95 1.82 -7.66
N GLN A 45 14.24 1.36 -8.87
CA GLN A 45 14.66 -0.04 -9.04
C GLN A 45 15.98 -0.33 -8.34
N VAL A 46 16.98 0.55 -8.51
CA VAL A 46 18.30 0.27 -7.94
C VAL A 46 18.20 0.10 -6.43
N ILE A 47 17.49 1.00 -5.76
CA ILE A 47 17.37 0.91 -4.30
C ILE A 47 16.61 -0.35 -3.91
N LEU A 48 15.51 -0.65 -4.60
CA LEU A 48 14.67 -1.77 -4.16
C LEU A 48 15.37 -3.10 -4.39
N LYS A 49 16.12 -3.22 -5.48
CA LYS A 49 16.87 -4.45 -5.71
C LYS A 49 17.93 -4.64 -4.63
N ALA A 50 18.66 -3.58 -4.33
CA ALA A 50 19.76 -3.66 -3.38
C ALA A 50 19.27 -4.04 -2.00
N LEU A 51 18.20 -3.38 -1.55
CA LEU A 51 17.63 -3.71 -0.25
C LEU A 51 17.00 -5.10 -0.28
N SER A 52 16.42 -5.50 -1.41
CA SER A 52 15.87 -6.85 -1.50
C SER A 52 16.97 -7.89 -1.30
N GLU A 53 18.17 -7.63 -1.85
CA GLU A 53 19.27 -8.56 -1.63
C GLU A 53 19.63 -8.68 -0.16
N LEU A 54 19.37 -7.66 0.64
CA LEU A 54 19.55 -7.73 2.09
C LEU A 54 18.30 -8.23 2.81
N ASP A 55 17.32 -8.72 2.05
CA ASP A 55 16.05 -9.16 2.62
C ASP A 55 15.38 -8.00 3.37
N ILE A 56 15.47 -6.80 2.81
CA ILE A 56 14.85 -5.61 3.37
C ILE A 56 13.82 -5.08 2.40
N TYR A 57 12.59 -4.88 2.89
CA TYR A 57 11.53 -4.34 2.07
C TYR A 57 10.96 -3.13 2.78
N PRO A 58 10.98 -1.96 2.16
CA PRO A 58 10.53 -0.76 2.85
C PRO A 58 9.09 -0.90 3.28
N LYS A 59 8.79 -0.36 4.46
CA LYS A 59 7.40 -0.11 4.80
C LYS A 59 6.83 0.91 3.84
N TYR A 60 7.64 1.88 3.44
CA TYR A 60 7.17 2.97 2.60
C TYR A 60 8.34 3.58 1.87
N ILE A 61 8.03 4.22 0.75
CA ILE A 61 9.02 5.01 0.03
C ILE A 61 8.23 6.05 -0.74
N GLU A 62 8.68 7.31 -0.69
CA GLU A 62 7.94 8.36 -1.35
C GLU A 62 8.86 9.52 -1.66
N THR A 63 8.45 10.34 -2.62
CA THR A 63 9.22 11.50 -3.02
C THR A 63 8.35 12.74 -2.80
N ARG A 64 8.70 13.55 -1.81
CA ARG A 64 7.97 14.77 -1.45
C ARG A 64 8.79 16.01 -1.75
N LYS A 65 8.08 17.14 -1.79
CA LYS A 65 8.73 18.43 -1.76
C LYS A 65 9.31 18.68 -0.38
N SER A 66 10.59 19.06 -0.33
CA SER A 66 11.23 19.40 0.94
C SER A 66 12.11 20.63 0.79
N SER B 1 -10.06 7.32 0.44
CA SER B 1 -10.44 6.48 -0.70
C SER B 1 -9.30 6.43 -1.71
N ASP B 2 -8.08 6.46 -1.20
CA ASP B 2 -6.89 6.66 -2.00
C ASP B 2 -6.51 5.37 -2.73
N THR B 3 -5.55 5.48 -3.64
CA THR B 3 -5.15 4.31 -4.42
C THR B 3 -3.64 4.26 -4.59
N THR B 4 -3.13 3.04 -4.70
CA THR B 4 -1.71 2.78 -4.87
C THR B 4 -1.41 2.42 -6.31
N ILE B 5 -0.46 3.13 -6.91
CA ILE B 5 -0.08 2.93 -8.31
C ILE B 5 1.33 2.34 -8.35
N VAL B 6 1.45 1.20 -9.01
CA VAL B 6 2.72 0.50 -9.21
C VAL B 6 3.13 0.69 -10.67
N THR B 7 4.36 1.12 -10.89
CA THR B 7 4.92 1.35 -12.22
C THR B 7 6.11 0.42 -12.45
N VAL B 8 6.10 -0.32 -13.55
CA VAL B 8 7.12 -1.34 -13.79
C VAL B 8 7.68 -1.19 -15.20
N ASP B 9 8.82 -1.85 -15.43
CA ASP B 9 9.34 -2.00 -16.79
C ASP B 9 8.30 -2.69 -17.65
N HIS B 10 8.27 -2.32 -18.94
CA HIS B 10 7.32 -2.92 -19.88
C HIS B 10 7.48 -4.43 -19.92
N LYS B 11 8.71 -4.92 -19.87
CA LYS B 11 8.96 -6.35 -19.82
C LYS B 11 8.40 -7.00 -18.57
N ASP B 12 8.17 -6.25 -17.50
CA ASP B 12 7.59 -6.82 -16.29
C ASP B 12 6.09 -6.60 -16.19
N PHE B 13 5.48 -5.88 -17.13
CA PHE B 13 4.10 -5.49 -16.96
C PHE B 13 3.18 -6.72 -16.92
N ASP B 14 3.31 -7.61 -17.90
CA ASP B 14 2.36 -8.73 -18.00
C ASP B 14 2.38 -9.59 -16.74
N ARG B 15 3.57 -10.00 -16.29
CA ARG B 15 3.64 -10.79 -15.07
C ARG B 15 3.17 -9.98 -13.86
N THR B 16 3.55 -8.70 -13.76
CA THR B 16 3.03 -7.86 -12.68
C THR B 16 1.51 -7.76 -12.75
N GLU B 17 0.96 -7.64 -13.96
CA GLU B 17 -0.49 -7.59 -14.13
C GLU B 17 -1.15 -8.86 -13.60
N LYS B 18 -0.58 -10.01 -13.99
CA LYS B 18 -1.07 -11.32 -13.57
C LYS B 18 -1.02 -11.44 -12.06
N TYR B 19 0.12 -11.09 -11.46
CA TYR B 19 0.26 -11.25 -10.02
C TYR B 19 -0.72 -10.36 -9.27
N LEU B 20 -0.83 -9.09 -9.64
CA LEU B 20 -1.67 -8.17 -8.90
C LEU B 20 -3.15 -8.51 -9.08
N ALA B 21 -3.53 -9.02 -10.25
CA ALA B 21 -4.92 -9.41 -10.46
C ALA B 21 -5.29 -10.60 -9.57
N GLU B 22 -4.35 -11.52 -9.38
CA GLU B 22 -4.59 -12.71 -8.57
C GLU B 22 -4.40 -12.47 -7.07
N HIS B 23 -3.58 -11.49 -6.66
CA HIS B 23 -3.22 -11.35 -5.25
C HIS B 23 -3.66 -10.05 -4.57
N PHE B 24 -4.10 -9.04 -5.30
CA PHE B 24 -4.59 -7.79 -4.72
C PHE B 24 -5.84 -7.36 -5.49
N GLN B 25 -6.44 -6.24 -5.09
CA GLN B 25 -7.60 -5.75 -5.83
C GLN B 25 -7.15 -4.82 -6.94
N LEU B 26 -6.88 -5.40 -8.11
CA LEU B 26 -6.50 -4.64 -9.30
C LEU B 26 -7.69 -3.85 -9.85
N GLN B 27 -7.51 -2.55 -9.97
CA GLN B 27 -8.55 -1.65 -10.49
C GLN B 27 -8.30 -1.24 -11.94
N ASN B 28 -7.35 -0.34 -12.17
CA ASN B 28 -7.01 0.16 -13.50
C ASN B 28 -5.61 -0.28 -13.94
N VAL B 29 -5.38 -0.22 -15.25
CA VAL B 29 -4.06 -0.47 -15.84
C VAL B 29 -3.84 0.55 -16.94
N ASP B 30 -2.59 0.96 -17.11
CA ASP B 30 -2.17 1.80 -18.24
C ASP B 30 -0.89 1.16 -18.79
N LYS B 31 -1.05 0.17 -19.67
CA LYS B 31 0.09 -0.61 -20.12
C LYS B 31 1.11 0.25 -20.86
N ALA B 32 0.64 1.25 -21.62
CA ALA B 32 1.54 2.08 -22.41
C ALA B 32 2.61 2.73 -21.53
N ASP B 33 2.22 3.16 -20.33
CA ASP B 33 3.11 3.81 -19.37
C ASP B 33 3.54 2.87 -18.25
N GLY B 34 3.10 1.62 -18.27
CA GLY B 34 3.52 0.66 -17.27
C GLY B 34 2.88 0.80 -15.90
N HIS B 35 1.73 1.45 -15.79
CA HIS B 35 1.07 1.69 -14.51
C HIS B 35 0.01 0.65 -14.21
N LEU B 36 -0.08 0.28 -12.93
CA LEU B 36 -1.15 -0.58 -12.42
C LEU B 36 -1.65 0.03 -11.12
N MET B 37 -2.96 0.21 -11.01
CA MET B 37 -3.57 0.85 -9.85
C MET B 37 -4.34 -0.21 -9.07
N ILE B 38 -4.04 -0.32 -7.78
CA ILE B 38 -4.67 -1.28 -6.89
C ILE B 38 -5.21 -0.52 -5.69
N ASN B 39 -5.93 -1.23 -4.82
CA ASN B 39 -6.40 -0.63 -3.58
C ASN B 39 -5.19 -0.19 -2.74
N ALA B 40 -5.35 0.92 -2.03
CA ALA B 40 -4.23 1.50 -1.32
C ALA B 40 -3.59 0.51 -0.36
N GLN B 41 -2.27 0.43 -0.39
CA GLN B 41 -1.51 -0.36 0.56
C GLN B 41 -0.87 0.64 1.53
N LYS B 42 -1.22 0.55 2.81
CA LYS B 42 -0.65 1.49 3.77
C LYS B 42 0.83 1.16 4.03
N ASN B 43 1.17 -0.11 3.96
CA ASN B 43 2.52 -0.63 4.17
C ASN B 43 2.91 -1.40 2.92
N TYR B 44 4.02 -1.02 2.29
CA TYR B 44 4.41 -1.58 0.99
C TYR B 44 5.18 -2.89 1.08
N GLN B 45 5.45 -3.41 2.27
CA GLN B 45 6.40 -4.51 2.37
C GLN B 45 5.93 -5.74 1.61
N VAL B 46 4.66 -6.12 1.78
CA VAL B 46 4.17 -7.37 1.19
C VAL B 46 4.22 -7.30 -0.33
N ILE B 47 3.73 -6.21 -0.92
CA ILE B 47 3.75 -6.13 -2.38
C ILE B 47 5.18 -6.08 -2.90
N LEU B 48 6.07 -5.33 -2.24
CA LEU B 48 7.42 -5.24 -2.75
C LEU B 48 8.13 -6.57 -2.63
N LYS B 49 7.88 -7.29 -1.53
CA LYS B 49 8.50 -8.60 -1.37
C LYS B 49 7.98 -9.58 -2.41
N ALA B 50 6.68 -9.60 -2.64
CA ALA B 50 6.13 -10.58 -3.59
C ALA B 50 6.64 -10.32 -4.99
N LEU B 51 6.66 -9.05 -5.42
CA LEU B 51 7.17 -8.74 -6.75
C LEU B 51 8.66 -9.08 -6.87
N SER B 52 9.42 -8.91 -5.78
CA SER B 52 10.84 -9.25 -5.80
C SER B 52 11.05 -10.74 -6.03
N GLU B 53 10.19 -11.57 -5.43
CA GLU B 53 10.25 -13.01 -5.67
C GLU B 53 10.00 -13.38 -7.13
N LEU B 54 9.35 -12.51 -7.89
CA LEU B 54 9.20 -12.67 -9.33
C LEU B 54 10.34 -12.03 -10.11
N ASP B 55 11.38 -11.58 -9.41
CA ASP B 55 12.45 -10.80 -9.99
C ASP B 55 11.88 -9.53 -10.63
N ILE B 56 10.89 -8.92 -9.97
CA ILE B 56 10.30 -7.67 -10.43
C ILE B 56 10.52 -6.58 -9.38
N TYR B 57 11.07 -5.45 -9.83
CA TYR B 57 11.32 -4.30 -8.96
C TYR B 57 10.70 -3.07 -9.59
N PRO B 58 9.76 -2.41 -8.92
CA PRO B 58 9.07 -1.28 -9.53
C PRO B 58 10.01 -0.14 -9.90
N LYS B 59 9.75 0.47 -11.05
CA LYS B 59 10.34 1.77 -11.34
C LYS B 59 9.84 2.81 -10.34
N TYR B 60 8.59 2.67 -9.89
CA TYR B 60 7.98 3.64 -9.00
C TYR B 60 6.81 2.99 -8.29
N ILE B 61 6.48 3.55 -7.12
CA ILE B 61 5.26 3.17 -6.40
C ILE B 61 4.82 4.38 -5.58
N GLU B 62 3.53 4.71 -5.65
CA GLU B 62 3.03 5.90 -5.00
C GLU B 62 1.55 5.76 -4.73
N THR B 63 1.07 6.54 -3.77
CA THR B 63 -0.33 6.53 -3.36
C THR B 63 -0.92 7.91 -3.54
N ARG B 64 -1.95 8.02 -4.38
CA ARG B 64 -2.63 9.31 -4.55
C ARG B 64 -3.37 9.68 -3.28
N ASP C 2 -27.00 -4.88 -4.57
CA ASP C 2 -27.01 -6.16 -5.30
C ASP C 2 -25.62 -6.47 -5.84
N THR C 3 -25.40 -7.73 -6.25
CA THR C 3 -24.12 -8.18 -6.76
C THR C 3 -24.29 -9.20 -7.89
N THR C 4 -23.37 -9.14 -8.87
CA THR C 4 -23.37 -10.09 -9.98
C THR C 4 -22.21 -11.06 -9.84
N ILE C 5 -22.54 -12.36 -9.88
CA ILE C 5 -21.57 -13.44 -9.69
C ILE C 5 -21.40 -14.19 -11.01
N VAL C 6 -20.16 -14.25 -11.48
CA VAL C 6 -19.80 -15.00 -12.69
C VAL C 6 -19.05 -16.26 -12.28
N THR C 7 -19.47 -17.39 -12.83
CA THR C 7 -18.85 -18.68 -12.53
C THR C 7 -18.28 -19.23 -13.83
N VAL C 8 -16.99 -19.59 -13.80
CA VAL C 8 -16.28 -20.05 -14.98
C VAL C 8 -15.56 -21.35 -14.65
N ASP C 9 -15.16 -22.07 -15.70
CA ASP C 9 -14.27 -23.20 -15.55
C ASP C 9 -12.95 -22.77 -14.91
N HIS C 10 -12.31 -23.69 -14.19
CA HIS C 10 -11.04 -23.38 -13.54
C HIS C 10 -10.00 -22.88 -14.53
N LYS C 11 -9.93 -23.49 -15.72
CA LYS C 11 -8.96 -23.08 -16.73
C LYS C 11 -9.20 -21.65 -17.20
N ASP C 12 -10.42 -21.13 -17.03
CA ASP C 12 -10.75 -19.78 -17.44
C ASP C 12 -10.68 -18.78 -16.29
N PHE C 13 -10.42 -19.25 -15.07
CA PHE C 13 -10.55 -18.36 -13.92
C PHE C 13 -9.59 -17.17 -14.01
N ASP C 14 -8.30 -17.44 -14.27
CA ASP C 14 -7.29 -16.38 -14.22
C ASP C 14 -7.57 -15.28 -15.25
N ARG C 15 -7.81 -15.68 -16.50
CA ARG C 15 -8.14 -14.72 -17.55
C ARG C 15 -9.46 -14.01 -17.30
N THR C 16 -10.48 -14.75 -16.83
CA THR C 16 -11.70 -14.07 -16.41
C THR C 16 -11.43 -13.13 -15.24
N GLU C 17 -10.59 -13.56 -14.29
CA GLU C 17 -10.28 -12.70 -13.14
C GLU C 17 -9.62 -11.41 -13.61
N LYS C 18 -8.67 -11.51 -14.54
CA LYS C 18 -8.04 -10.33 -15.12
C LYS C 18 -9.05 -9.42 -15.79
N TYR C 19 -9.94 -9.99 -16.61
CA TYR C 19 -10.85 -9.16 -17.40
C TYR C 19 -11.79 -8.36 -16.49
N LEU C 20 -12.41 -9.02 -15.52
CA LEU C 20 -13.40 -8.33 -14.70
C LEU C 20 -12.73 -7.30 -13.78
N ALA C 21 -11.54 -7.62 -13.28
CA ALA C 21 -10.85 -6.69 -12.39
C ALA C 21 -10.52 -5.39 -13.10
N GLU C 22 -10.15 -5.46 -14.38
CA GLU C 22 -9.78 -4.26 -15.12
C GLU C 22 -10.98 -3.44 -15.62
N HIS C 23 -12.16 -4.04 -15.76
CA HIS C 23 -13.29 -3.36 -16.37
C HIS C 23 -14.46 -3.10 -15.41
N PHE C 24 -14.49 -3.75 -14.25
CA PHE C 24 -15.55 -3.58 -13.27
C PHE C 24 -14.91 -3.53 -11.90
N GLN C 25 -15.75 -3.37 -10.88
CA GLN C 25 -15.32 -3.35 -9.50
C GLN C 25 -15.28 -4.80 -9.00
N LEU C 26 -14.13 -5.46 -9.16
CA LEU C 26 -14.03 -6.84 -8.71
C LEU C 26 -14.02 -6.86 -7.19
N GLN C 27 -15.05 -7.49 -6.61
CA GLN C 27 -15.23 -7.46 -5.18
C GLN C 27 -14.62 -8.70 -4.54
N ASN C 28 -15.27 -9.84 -4.63
CA ASN C 28 -14.66 -11.04 -4.05
C ASN C 28 -14.46 -12.11 -5.12
N VAL C 29 -13.62 -13.09 -4.79
CA VAL C 29 -13.39 -14.25 -5.64
C VAL C 29 -13.37 -15.50 -4.77
N ASP C 30 -13.83 -16.61 -5.35
CA ASP C 30 -13.80 -17.93 -4.74
C ASP C 30 -13.19 -18.86 -5.80
N LYS C 31 -11.85 -18.89 -5.84
CA LYS C 31 -11.17 -19.66 -6.88
C LYS C 31 -11.46 -21.14 -6.78
N ALA C 32 -11.63 -21.66 -5.56
CA ALA C 32 -11.88 -23.08 -5.38
C ALA C 32 -13.11 -23.51 -6.16
N ASP C 33 -14.16 -22.70 -6.13
CA ASP C 33 -15.42 -22.99 -6.80
C ASP C 33 -15.62 -22.22 -8.11
N GLY C 34 -14.64 -21.42 -8.53
CA GLY C 34 -14.73 -20.72 -9.79
C GLY C 34 -15.64 -19.52 -9.84
N HIS C 35 -15.92 -18.89 -8.68
CA HIS C 35 -16.82 -17.74 -8.59
C HIS C 35 -16.03 -16.45 -8.59
N LEU C 36 -16.57 -15.43 -9.28
CA LEU C 36 -16.03 -14.07 -9.24
C LEU C 36 -17.20 -13.12 -9.04
N MET C 37 -17.08 -12.23 -8.08
CA MET C 37 -18.17 -11.33 -7.72
C MET C 37 -17.82 -9.89 -8.05
N ILE C 38 -18.69 -9.22 -8.80
CA ILE C 38 -18.51 -7.84 -9.22
C ILE C 38 -19.76 -7.04 -8.84
N ASN C 39 -19.68 -5.73 -9.04
CA ASN C 39 -20.86 -4.89 -8.83
C ASN C 39 -21.96 -5.34 -9.80
N ALA C 40 -23.20 -5.27 -9.32
CA ALA C 40 -24.32 -5.88 -10.04
C ALA C 40 -24.41 -5.35 -11.46
N GLN C 41 -24.48 -6.28 -12.41
CA GLN C 41 -24.60 -5.93 -13.82
C GLN C 41 -26.02 -6.18 -14.27
N LYS C 42 -26.57 -5.12 -14.87
CA LYS C 42 -27.99 -5.06 -15.13
C LYS C 42 -28.27 -5.82 -16.41
N ASN C 43 -27.34 -5.69 -17.37
CA ASN C 43 -27.33 -6.27 -18.71
C ASN C 43 -26.01 -7.01 -18.90
N TYR C 44 -26.06 -8.29 -19.26
CA TYR C 44 -24.88 -9.16 -19.32
C TYR C 44 -24.15 -9.12 -20.66
N GLN C 45 -24.64 -8.34 -21.63
CA GLN C 45 -24.17 -8.42 -23.01
C GLN C 45 -22.68 -8.08 -23.13
N VAL C 46 -22.24 -6.98 -22.50
CA VAL C 46 -20.84 -6.57 -22.64
C VAL C 46 -19.92 -7.64 -22.05
N ILE C 47 -20.26 -8.15 -20.88
CA ILE C 47 -19.41 -9.16 -20.25
C ILE C 47 -19.34 -10.42 -21.10
N LEU C 48 -20.49 -10.89 -21.62
CA LEU C 48 -20.53 -12.15 -22.36
C LEU C 48 -19.85 -12.02 -23.72
N LYS C 49 -19.98 -10.86 -24.36
CA LYS C 49 -19.24 -10.61 -25.60
C LYS C 49 -17.74 -10.60 -25.33
N ALA C 50 -17.32 -9.95 -24.24
CA ALA C 50 -15.89 -9.85 -23.94
C ALA C 50 -15.31 -11.22 -23.61
N LEU C 51 -15.98 -11.99 -22.75
CA LEU C 51 -15.46 -13.30 -22.42
C LEU C 51 -15.49 -14.22 -23.63
N SER C 52 -16.46 -14.06 -24.51
CA SER C 52 -16.49 -14.85 -25.73
C SER C 52 -15.27 -14.58 -26.61
N GLU C 53 -14.87 -13.31 -26.73
CA GLU C 53 -13.70 -13.02 -27.54
C GLU C 53 -12.45 -13.72 -27.00
N LEU C 54 -12.43 -14.03 -25.71
CA LEU C 54 -11.39 -14.82 -25.10
C LEU C 54 -11.71 -16.31 -25.06
N ASP C 55 -12.77 -16.75 -25.75
CA ASP C 55 -13.24 -18.14 -25.70
C ASP C 55 -13.48 -18.61 -24.27
N ILE C 56 -14.06 -17.74 -23.46
CA ILE C 56 -14.46 -18.07 -22.11
C ILE C 56 -15.98 -17.98 -22.10
N TYR C 57 -16.64 -19.06 -21.70
CA TYR C 57 -18.08 -19.08 -21.64
C TYR C 57 -18.49 -19.49 -20.24
N PRO C 58 -19.16 -18.62 -19.51
CA PRO C 58 -19.47 -18.92 -18.10
C PRO C 58 -20.30 -20.17 -17.92
N LYS C 59 -19.95 -20.93 -16.87
CA LYS C 59 -20.84 -21.99 -16.40
C LYS C 59 -22.14 -21.42 -15.87
N TYR C 60 -22.07 -20.25 -15.24
CA TYR C 60 -23.24 -19.64 -14.62
C TYR C 60 -22.97 -18.16 -14.45
N ILE C 61 -24.04 -17.39 -14.38
CA ILE C 61 -23.96 -15.98 -14.02
C ILE C 61 -25.27 -15.61 -13.36
N GLU C 62 -25.20 -14.91 -12.23
CA GLU C 62 -26.42 -14.68 -11.48
C GLU C 62 -26.26 -13.42 -10.65
N THR C 63 -27.38 -12.77 -10.37
CA THR C 63 -27.38 -11.56 -9.54
C THR C 63 -28.36 -11.74 -8.39
N ARG C 64 -27.84 -11.70 -7.15
CA ARG C 64 -28.70 -11.82 -5.96
C ARG C 64 -28.84 -10.48 -5.25
N SER D 1 12.35 1.68 27.76
CA SER D 1 12.49 2.20 26.39
C SER D 1 11.19 2.07 25.61
N ASP D 2 10.13 1.62 26.28
CA ASP D 2 8.85 1.45 25.61
C ASP D 2 8.18 2.80 25.38
N THR D 3 7.40 2.87 24.31
CA THR D 3 6.74 4.09 23.88
C THR D 3 5.33 3.78 23.36
N THR D 4 4.42 4.73 23.56
CA THR D 4 3.08 4.66 23.02
C THR D 4 3.01 5.63 21.85
N ILE D 5 2.55 5.15 20.71
CA ILE D 5 2.49 5.94 19.48
C ILE D 5 1.04 6.27 19.20
N VAL D 6 0.73 7.55 19.09
CA VAL D 6 -0.61 8.02 18.75
C VAL D 6 -0.56 8.60 17.35
N THR D 7 -1.44 8.13 16.48
CA THR D 7 -1.50 8.57 15.08
C THR D 7 -2.88 9.18 14.83
N VAL D 8 -2.90 10.39 14.27
CA VAL D 8 -4.14 11.13 14.06
C VAL D 8 -4.17 11.68 12.64
N ASP D 9 -5.36 12.13 12.24
CA ASP D 9 -5.51 12.89 11.01
C ASP D 9 -4.63 14.14 11.05
N HIS D 10 -4.21 14.59 9.86
CA HIS D 10 -3.39 15.79 9.76
C HIS D 10 -4.09 17.00 10.38
N LYS D 11 -5.41 17.14 10.16
CA LYS D 11 -6.14 18.27 10.72
C LYS D 11 -6.19 18.23 12.26
N ASP D 12 -5.98 17.06 12.87
CA ASP D 12 -5.97 16.95 14.33
C ASP D 12 -4.58 16.95 14.95
N PHE D 13 -3.53 17.05 14.14
CA PHE D 13 -2.19 16.81 14.66
C PHE D 13 -1.77 17.87 15.68
N ASP D 14 -1.91 19.15 15.35
CA ASP D 14 -1.42 20.23 16.22
C ASP D 14 -2.08 20.17 17.60
N ARG D 15 -3.41 20.06 17.62
CA ARG D 15 -4.17 19.98 18.86
C ARG D 15 -3.85 18.70 19.64
N THR D 16 -3.71 17.56 18.95
CA THR D 16 -3.28 16.34 19.61
C THR D 16 -1.88 16.52 20.22
N GLU D 17 -0.99 17.17 19.48
CA GLU D 17 0.35 17.45 20.00
C GLU D 17 0.27 18.31 21.27
N LYS D 18 -0.57 19.34 21.24
CA LYS D 18 -0.75 20.17 22.42
C LYS D 18 -1.21 19.34 23.61
N TYR D 19 -2.23 18.49 23.42
CA TYR D 19 -2.73 17.71 24.54
C TYR D 19 -1.64 16.79 25.07
N LEU D 20 -0.94 16.08 24.19
CA LEU D 20 0.03 15.10 24.69
C LEU D 20 1.21 15.76 25.37
N ALA D 21 1.69 16.87 24.81
CA ALA D 21 2.84 17.57 25.40
C ALA D 21 2.49 18.17 26.75
N GLU D 22 1.24 18.60 26.94
CA GLU D 22 0.89 19.20 28.21
C GLU D 22 0.76 18.16 29.32
N HIS D 23 0.44 16.91 28.98
CA HIS D 23 0.11 15.92 30.00
C HIS D 23 1.06 14.74 30.07
N PHE D 24 1.92 14.53 29.08
CA PHE D 24 2.84 13.42 29.09
C PHE D 24 4.19 13.93 28.59
N GLN D 25 5.19 13.04 28.56
CA GLN D 25 6.51 13.37 28.00
C GLN D 25 6.49 13.08 26.52
N LEU D 26 6.22 14.10 25.71
CA LEU D 26 6.26 13.93 24.27
C LEU D 26 7.71 13.79 23.80
N GLN D 27 8.03 12.62 23.22
CA GLN D 27 9.40 12.23 22.88
C GLN D 27 9.75 12.50 21.43
N ASN D 28 8.83 12.28 20.52
CA ASN D 28 9.06 12.48 19.11
C ASN D 28 7.81 13.04 18.47
N VAL D 29 8.00 13.75 17.38
CA VAL D 29 6.91 14.30 16.60
C VAL D 29 7.20 14.01 15.14
N ASP D 30 6.24 13.43 14.44
CA ASP D 30 6.40 13.10 13.01
C ASP D 30 5.16 13.63 12.32
N LYS D 31 5.19 14.93 12.03
CA LYS D 31 4.03 15.60 11.46
C LYS D 31 3.72 15.05 10.07
N ALA D 32 4.75 14.64 9.33
CA ALA D 32 4.54 14.14 7.97
C ALA D 32 3.60 12.95 7.97
N ASP D 33 3.80 11.99 8.89
CA ASP D 33 2.97 10.79 8.94
C ASP D 33 1.91 10.83 10.05
N GLY D 34 1.85 11.93 10.82
CA GLY D 34 0.86 12.07 11.85
C GLY D 34 1.11 11.27 13.12
N HIS D 35 2.35 10.92 13.42
CA HIS D 35 2.69 10.15 14.61
C HIS D 35 3.19 11.06 15.74
N LEU D 36 2.75 10.75 16.96
CA LEU D 36 3.26 11.39 18.18
C LEU D 36 3.63 10.30 19.17
N MET D 37 4.85 10.36 19.71
CA MET D 37 5.35 9.34 20.62
C MET D 37 5.50 9.90 22.02
N ILE D 38 4.93 9.21 23.00
CA ILE D 38 5.01 9.59 24.40
C ILE D 38 5.53 8.38 25.18
N ASN D 39 5.78 8.62 26.46
CA ASN D 39 6.14 7.53 27.36
C ASN D 39 5.00 6.51 27.39
N ALA D 40 5.37 5.23 27.45
CA ALA D 40 4.39 4.14 27.27
C ALA D 40 3.26 4.24 28.27
N GLN D 41 2.04 4.09 27.78
CA GLN D 41 0.84 4.10 28.62
C GLN D 41 0.26 2.69 28.69
N LYS D 42 0.07 2.19 29.92
CA LYS D 42 -0.52 0.87 30.12
C LYS D 42 -2.01 0.88 29.78
N ASN D 43 -2.71 1.98 30.08
CA ASN D 43 -4.15 2.09 29.88
C ASN D 43 -4.44 3.31 29.04
N TYR D 44 -5.12 3.12 27.91
CA TYR D 44 -5.35 4.16 26.91
C TYR D 44 -6.59 5.01 27.20
N GLN D 45 -7.30 4.76 28.30
CA GLN D 45 -8.62 5.35 28.48
C GLN D 45 -8.57 6.87 28.61
N VAL D 46 -7.65 7.37 29.44
CA VAL D 46 -7.61 8.81 29.72
C VAL D 46 -7.33 9.59 28.44
N ILE D 47 -6.35 9.14 27.66
CA ILE D 47 -5.99 9.84 26.43
C ILE D 47 -7.16 9.78 25.44
N LEU D 48 -7.79 8.62 25.30
CA LEU D 48 -8.86 8.50 24.31
C LEU D 48 -10.09 9.31 24.72
N LYS D 49 -10.42 9.33 26.00
CA LYS D 49 -11.52 10.18 26.43
C LYS D 49 -11.17 11.66 26.26
N ALA D 50 -9.96 12.05 26.67
CA ALA D 50 -9.58 13.46 26.58
C ALA D 50 -9.58 13.93 25.14
N LEU D 51 -9.01 13.12 24.25
CA LEU D 51 -9.04 13.47 22.83
C LEU D 51 -10.46 13.44 22.27
N SER D 52 -11.31 12.52 22.74
CA SER D 52 -12.69 12.54 22.25
C SER D 52 -13.39 13.83 22.66
N GLU D 53 -13.15 14.31 23.87
CA GLU D 53 -13.73 15.59 24.28
C GLU D 53 -13.27 16.74 23.39
N LEU D 54 -12.11 16.61 22.74
CA LEU D 54 -11.67 17.59 21.76
C LEU D 54 -12.13 17.23 20.35
N ASP D 55 -13.05 16.25 20.21
CA ASP D 55 -13.51 15.74 18.90
C ASP D 55 -12.37 15.16 18.04
N ILE D 56 -11.41 14.49 18.68
CA ILE D 56 -10.29 13.86 17.97
C ILE D 56 -10.34 12.36 18.23
N TYR D 57 -10.27 11.57 17.15
CA TYR D 57 -10.27 10.11 17.24
C TYR D 57 -9.08 9.57 16.52
N PRO D 58 -8.13 8.91 17.19
CA PRO D 58 -6.91 8.45 16.54
C PRO D 58 -7.19 7.46 15.42
N LYS D 59 -6.42 7.61 14.33
CA LYS D 59 -6.35 6.56 13.32
C LYS D 59 -5.75 5.29 13.91
N TYR D 60 -4.79 5.44 14.82
CA TYR D 60 -4.10 4.28 15.34
C TYR D 60 -3.49 4.66 16.68
N ILE D 61 -3.30 3.64 17.51
CA ILE D 61 -2.56 3.81 18.75
C ILE D 61 -1.94 2.46 19.10
N GLU D 62 -0.65 2.48 19.44
CA GLU D 62 0.04 1.25 19.74
C GLU D 62 1.17 1.54 20.71
N THR D 63 1.56 0.51 21.45
CA THR D 63 2.67 0.62 22.39
C THR D 63 3.72 -0.36 21.88
N ARG D 64 4.84 0.19 21.47
CA ARG D 64 5.90 -0.55 20.86
C ARG D 64 7.14 -0.63 21.76
#